data_2X8O
#
_entry.id   2X8O
#
_cell.length_a   52.409
_cell.length_b   116.752
_cell.length_c   73.889
_cell.angle_alpha   90.00
_cell.angle_beta   90.00
_cell.angle_gamma   90.00
#
_symmetry.space_group_name_H-M   'P 21 21 2'
#
loop_
_entity.id
_entity.type
_entity.pdbx_description
1 polymer 'CHOLINE-BINDING PROTEIN F'
2 non-polymer 'CHOLINE ION'
3 non-polymer 'SULFATE ION'
4 non-polymer '(1R,5S)-8-METHYL-8-AZABICYCLO[3.2.1]OCT-3-YL (2R)-3-HYDROXY-2-PHENYLPROPANOATE'
5 non-polymer GLYCEROL
6 water water
#
_entity_poly.entity_id   1
_entity_poly.type   'polypeptide(L)'
_entity_poly.pdbx_seq_one_letter_code
;NTTGGRFVDKDNRKYYVKDDHKAIYWHKIDGKTYYFGDIGEMVVGWQYLEIPGTGYRDNLFDNQPVNEIGLQEKWYYFGQ
DGALLEQTDKQVLEAKTSENTGKVYGEQYPLSAEKRTYYFDNNYAVKTGWIYEDGNWYYLNKLGNFGDDSYNPLPIGEVA
KGWTQDFHVTIDIDRSKPAPWYYLDASGKMLTDWQKVNGKWYYFGSSGSMATGWKYVRGKWYYLDNKNGDMKTGWQYLGN
KWYYLRSSGAMVTGWYQDGLTWYYLNAGNGDMKTGWFQVNGKWYYAYSSGALAVNTTVDGYSVNYNGEWVQ
;
_entity_poly.pdbx_strand_id   A
#
loop_
_chem_comp.id
_chem_comp.type
_chem_comp.name
_chem_comp.formula
CHT non-polymer 'CHOLINE ION' 'C5 H14 N O 1'
GOL non-polymer GLYCEROL 'C3 H8 O3'
OIN non-polymer '(1R,5S)-8-METHYL-8-AZABICYCLO[3.2.1]OCT-3-YL (2R)-3-HYDROXY-2-PHENYLPROPANOATE' 'C17 H23 N O3'
SO4 non-polymer 'SULFATE ION' 'O4 S -2'
#
# COMPACT_ATOMS: atom_id res chain seq x y z
N ASN A 1 23.63 20.20 -23.00
CA ASN A 1 25.04 20.57 -23.26
C ASN A 1 25.66 19.84 -24.45
N THR A 2 24.80 19.28 -25.30
CA THR A 2 25.26 18.58 -26.50
C THR A 2 25.07 19.56 -27.66
N THR A 3 26.18 19.98 -28.26
CA THR A 3 26.15 20.92 -29.37
C THR A 3 26.98 20.43 -30.55
N GLY A 4 27.02 21.24 -31.61
CA GLY A 4 27.81 20.88 -32.78
C GLY A 4 27.20 19.80 -33.63
N GLY A 5 25.94 19.43 -33.36
CA GLY A 5 25.30 18.39 -34.14
C GLY A 5 24.00 18.88 -34.74
N ARG A 6 23.18 17.96 -35.26
CA ARG A 6 21.91 18.36 -35.83
C ARG A 6 20.93 17.20 -35.92
N PHE A 7 19.65 17.51 -35.84
CA PHE A 7 18.61 16.52 -35.93
C PHE A 7 18.50 16.07 -37.39
N VAL A 8 18.30 14.78 -37.59
CA VAL A 8 18.20 14.23 -38.93
C VAL A 8 17.04 13.27 -39.05
N ASP A 9 16.26 13.41 -40.11
CA ASP A 9 15.13 12.53 -40.36
C ASP A 9 15.60 11.49 -41.37
N LYS A 10 15.31 10.22 -41.09
CA LYS A 10 15.73 9.16 -41.99
C LYS A 10 15.02 7.84 -41.68
N ASP A 11 14.66 7.12 -42.73
CA ASP A 11 13.97 5.84 -42.60
C ASP A 11 12.76 5.92 -41.66
N ASN A 12 12.11 7.08 -41.64
CA ASN A 12 10.93 7.30 -40.80
C ASN A 12 11.30 7.27 -39.31
N ARG A 13 12.49 7.81 -39.02
CA ARG A 13 12.98 7.88 -37.65
C ARG A 13 13.70 9.22 -37.54
N LYS A 14 13.95 9.66 -36.31
CA LYS A 14 14.64 10.93 -36.09
C LYS A 14 15.90 10.65 -35.26
N TYR A 15 17.01 11.26 -35.67
CA TYR A 15 18.28 11.09 -34.98
C TYR A 15 18.89 12.45 -34.73
N TYR A 16 19.96 12.47 -33.93
CA TYR A 16 20.70 13.69 -33.68
C TYR A 16 22.13 13.28 -34.02
N VAL A 17 22.71 13.89 -35.04
CA VAL A 17 24.06 13.54 -35.45
C VAL A 17 25.10 14.66 -35.28
N LYS A 18 26.25 14.29 -34.75
CA LYS A 18 27.35 15.23 -34.55
C LYS A 18 28.64 14.54 -34.99
N ASP A 19 29.54 15.31 -35.60
CA ASP A 19 30.81 14.79 -36.09
C ASP A 19 30.63 13.40 -36.73
N ASP A 20 29.48 13.20 -37.34
CA ASP A 20 29.13 11.96 -38.02
C ASP A 20 28.75 10.76 -37.14
N HIS A 21 28.34 11.01 -35.90
CA HIS A 21 27.95 9.93 -35.00
C HIS A 21 26.54 10.16 -34.46
N LYS A 22 25.84 9.08 -34.15
CA LYS A 22 24.48 9.18 -33.61
C LYS A 22 24.47 9.31 -32.10
N ALA A 23 23.61 10.17 -31.58
CA ALA A 23 23.53 10.32 -30.14
C ALA A 23 22.68 9.18 -29.61
N ILE A 24 23.01 8.70 -28.42
CA ILE A 24 22.26 7.63 -27.78
C ILE A 24 21.89 8.04 -26.36
N TYR A 25 20.89 7.37 -25.79
CA TYR A 25 20.41 7.67 -24.45
C TYR A 25 20.07 9.15 -24.22
N TRP A 26 20.30 9.65 -23.01
CA TRP A 26 19.95 11.04 -22.66
C TRP A 26 20.88 12.17 -23.14
N HIS A 27 20.25 13.26 -23.59
CA HIS A 27 20.98 14.43 -24.07
C HIS A 27 20.20 15.72 -23.81
N LYS A 28 20.91 16.76 -23.40
CA LYS A 28 20.29 18.07 -23.20
C LYS A 28 20.74 18.88 -24.41
N ILE A 29 19.80 19.21 -25.30
CA ILE A 29 20.12 19.96 -26.51
C ILE A 29 19.31 21.24 -26.65
N ASP A 30 20.01 22.36 -26.62
CA ASP A 30 19.40 23.67 -26.79
C ASP A 30 18.18 23.94 -25.90
N GLY A 31 18.36 23.75 -24.59
CA GLY A 31 17.28 24.01 -23.64
C GLY A 31 16.22 22.94 -23.44
N LYS A 32 16.36 21.81 -24.13
CA LYS A 32 15.40 20.72 -24.01
C LYS A 32 16.16 19.42 -23.81
N THR A 33 15.47 18.42 -23.29
CA THR A 33 16.06 17.12 -23.04
C THR A 33 15.44 16.05 -23.92
N TYR A 34 16.29 15.22 -24.50
CA TYR A 34 15.85 14.16 -25.40
C TYR A 34 16.45 12.82 -24.99
N TYR A 35 15.88 11.74 -25.50
CA TYR A 35 16.37 10.40 -25.21
C TYR A 35 16.38 9.63 -26.52
N PHE A 36 17.53 9.04 -26.87
CA PHE A 36 17.66 8.33 -28.14
C PHE A 36 17.83 6.82 -28.10
N GLY A 37 17.57 6.20 -26.94
CA GLY A 37 17.69 4.76 -26.84
C GLY A 37 19.09 4.22 -27.05
N ASP A 38 19.17 2.95 -27.42
CA ASP A 38 20.47 2.31 -27.62
C ASP A 38 21.08 2.53 -29.00
N ILE A 39 20.27 2.81 -30.01
CA ILE A 39 20.82 3.02 -31.35
C ILE A 39 20.59 4.40 -31.97
N GLY A 40 19.96 5.31 -31.22
CA GLY A 40 19.77 6.66 -31.74
C GLY A 40 18.36 7.10 -32.10
N GLU A 41 17.41 6.18 -32.13
CA GLU A 41 16.03 6.54 -32.46
C GLU A 41 15.38 7.38 -31.36
N MET A 42 15.05 8.63 -31.69
CA MET A 42 14.43 9.55 -30.72
C MET A 42 13.08 9.02 -30.25
N VAL A 43 12.85 9.05 -28.94
CA VAL A 43 11.59 8.57 -28.38
C VAL A 43 10.56 9.70 -28.22
N VAL A 44 9.29 9.32 -28.09
CA VAL A 44 8.20 10.26 -27.89
C VAL A 44 7.13 9.63 -26.98
N GLY A 45 6.31 10.46 -26.34
CA GLY A 45 5.27 9.93 -25.49
C GLY A 45 5.77 9.29 -24.20
N TRP A 46 5.01 8.33 -23.68
CA TRP A 46 5.36 7.63 -22.44
C TRP A 46 6.55 6.68 -22.58
N GLN A 47 7.51 6.80 -21.66
CA GLN A 47 8.71 5.97 -21.67
C GLN A 47 9.11 5.52 -20.25
N TYR A 48 9.53 4.27 -20.12
CA TYR A 48 9.99 3.71 -18.85
C TYR A 48 11.50 3.56 -19.05
N LEU A 49 12.27 4.52 -18.54
CA LEU A 49 13.71 4.53 -18.74
C LEU A 49 14.60 4.64 -17.49
N GLU A 50 15.88 4.33 -17.68
CA GLU A 50 16.86 4.45 -16.61
C GLU A 50 16.95 5.97 -16.32
N ILE A 51 17.04 6.32 -15.05
CA ILE A 51 17.10 7.72 -14.63
C ILE A 51 18.32 8.46 -15.20
N PRO A 52 18.12 9.70 -15.64
CA PRO A 52 19.22 10.50 -16.20
C PRO A 52 20.01 11.26 -15.13
N GLY A 53 21.15 11.80 -15.54
CA GLY A 53 21.95 12.61 -14.63
C GLY A 53 23.24 12.06 -14.05
N THR A 54 23.43 10.74 -14.04
CA THR A 54 24.65 10.17 -13.48
C THR A 54 25.86 10.31 -14.39
N GLY A 55 25.62 10.40 -15.69
CA GLY A 55 26.70 10.49 -16.65
C GLY A 55 26.89 9.16 -17.37
N TYR A 56 26.37 8.07 -16.80
CA TYR A 56 26.50 6.74 -17.41
C TYR A 56 25.53 6.48 -18.57
N ARG A 57 24.52 7.33 -18.70
CA ARG A 57 23.55 7.22 -19.79
C ARG A 57 23.27 8.63 -20.28
N ASP A 58 24.31 9.46 -20.23
CA ASP A 58 24.18 10.86 -20.61
C ASP A 58 25.31 11.38 -21.50
N ASN A 59 24.94 12.22 -22.46
CA ASN A 59 25.89 12.82 -23.38
C ASN A 59 26.68 11.78 -24.16
N LEU A 60 26.10 10.61 -24.38
CA LEU A 60 26.79 9.55 -25.10
C LEU A 60 26.44 9.47 -26.59
N PHE A 61 27.39 8.96 -27.38
CA PHE A 61 27.21 8.79 -28.81
C PHE A 61 27.53 7.32 -29.12
N ASP A 62 26.95 6.80 -30.19
CA ASP A 62 27.14 5.39 -30.53
C ASP A 62 28.55 4.95 -30.91
N ASN A 63 29.52 5.86 -30.78
CA ASN A 63 30.91 5.52 -31.08
C ASN A 63 31.69 5.48 -29.76
N GLN A 64 30.96 5.63 -28.66
CA GLN A 64 31.57 5.61 -27.34
C GLN A 64 31.14 4.38 -26.55
N PRO A 65 31.97 3.94 -25.58
CA PRO A 65 31.65 2.77 -24.77
C PRO A 65 30.49 3.08 -23.84
N VAL A 66 29.59 2.11 -23.68
CA VAL A 66 28.45 2.28 -22.78
C VAL A 66 28.72 1.41 -21.56
N ASN A 67 29.03 2.06 -20.44
CA ASN A 67 29.33 1.37 -19.19
C ASN A 67 28.20 0.48 -18.68
N GLU A 68 28.57 -0.60 -18.02
CA GLU A 68 27.58 -1.49 -17.42
C GLU A 68 27.18 -0.66 -16.19
N ILE A 69 25.90 -0.62 -15.87
CA ILE A 69 25.49 0.17 -14.73
C ILE A 69 24.11 -0.29 -14.27
N GLY A 70 23.87 -0.17 -12.96
CA GLY A 70 22.60 -0.56 -12.41
C GLY A 70 21.82 0.68 -12.00
N LEU A 71 20.96 1.13 -12.89
CA LEU A 71 20.15 2.33 -12.63
C LEU A 71 18.67 1.96 -12.59
N GLN A 72 17.95 2.50 -11.61
CA GLN A 72 16.53 2.23 -11.50
C GLN A 72 15.86 2.88 -12.72
N GLU A 73 14.66 2.41 -13.03
CA GLU A 73 13.92 2.95 -14.15
C GLU A 73 12.68 3.65 -13.62
N LYS A 74 12.23 4.66 -14.34
CA LYS A 74 11.04 5.40 -13.96
C LYS A 74 10.31 5.81 -15.21
N TRP A 75 9.08 6.27 -15.03
CA TRP A 75 8.27 6.72 -16.14
C TRP A 75 8.53 8.20 -16.40
N TYR A 76 8.66 8.55 -17.67
CA TYR A 76 8.90 9.91 -18.11
C TYR A 76 7.96 10.16 -19.27
N TYR A 77 7.60 11.42 -19.50
CA TYR A 77 6.72 11.76 -20.62
C TYR A 77 7.45 12.68 -21.59
N PHE A 78 7.43 12.33 -22.88
CA PHE A 78 8.09 13.15 -23.90
C PHE A 78 7.03 13.69 -24.87
N GLY A 79 7.22 14.92 -25.33
CA GLY A 79 6.29 15.51 -26.28
C GLY A 79 6.42 14.81 -27.62
N GLN A 80 5.59 15.19 -28.58
CA GLN A 80 5.65 14.54 -29.89
C GLN A 80 6.85 15.00 -30.71
N ASP A 81 7.56 16.00 -30.22
CA ASP A 81 8.75 16.50 -30.87
C ASP A 81 9.97 15.90 -30.14
N GLY A 82 9.70 15.04 -29.17
CA GLY A 82 10.77 14.39 -28.44
C GLY A 82 11.29 15.09 -27.20
N ALA A 83 10.81 16.28 -26.90
CA ALA A 83 11.29 17.01 -25.71
C ALA A 83 10.69 16.46 -24.42
N LEU A 84 11.53 16.31 -23.41
CA LEU A 84 11.07 15.81 -22.10
C LEU A 84 10.14 16.83 -21.45
N LEU A 85 9.04 16.35 -20.89
CA LEU A 85 8.12 17.22 -20.17
C LEU A 85 8.74 17.38 -18.80
N GLU A 86 9.22 18.58 -18.49
CA GLU A 86 9.87 18.84 -17.22
C GLU A 86 8.91 19.32 -16.14
N GLN A 87 7.94 18.47 -15.83
CA GLN A 87 6.92 18.77 -14.82
C GLN A 87 7.40 18.29 -13.45
N THR A 88 7.18 19.07 -12.41
CA THR A 88 7.59 18.67 -11.06
C THR A 88 6.40 18.67 -10.08
N ASP A 89 5.21 18.92 -10.61
CA ASP A 89 4.01 18.97 -9.78
C ASP A 89 3.00 17.94 -10.29
N LYS A 90 2.18 18.32 -11.25
CA LYS A 90 1.21 17.40 -11.81
C LYS A 90 0.75 17.91 -13.16
N GLN A 91 0.15 17.02 -13.95
CA GLN A 91 -0.33 17.41 -15.27
C GLN A 91 -1.26 16.35 -15.81
N VAL A 92 -2.28 16.80 -16.54
CA VAL A 92 -3.25 15.90 -17.14
C VAL A 92 -2.68 15.44 -18.46
N LEU A 93 -2.59 14.13 -18.62
CA LEU A 93 -2.03 13.56 -19.83
C LEU A 93 -2.76 12.30 -20.25
N GLU A 94 -2.55 11.90 -21.49
CA GLU A 94 -3.15 10.67 -22.01
C GLU A 94 -2.71 9.54 -21.07
N ALA A 95 -3.65 8.69 -20.68
CA ALA A 95 -3.31 7.58 -19.80
C ALA A 95 -2.30 6.69 -20.53
N LYS A 96 -1.35 6.12 -19.80
CA LYS A 96 -0.37 5.26 -20.44
C LYS A 96 -0.94 3.84 -20.46
N THR A 97 -0.81 3.18 -21.60
CA THR A 97 -1.32 1.82 -21.75
C THR A 97 -0.35 0.96 -22.54
N SER A 98 -0.75 -0.28 -22.77
CA SER A 98 0.06 -1.24 -23.50
C SER A 98 0.22 -0.90 -24.98
N GLU A 99 -0.22 0.29 -25.39
CA GLU A 99 -0.13 0.67 -26.79
C GLU A 99 0.40 2.07 -27.09
N ASN A 100 0.75 2.85 -26.07
CA ASN A 100 1.27 4.19 -26.31
C ASN A 100 2.55 4.47 -25.54
N THR A 101 3.27 3.41 -25.21
CA THR A 101 4.52 3.54 -24.46
C THR A 101 5.65 2.84 -25.20
N GLY A 102 6.86 3.40 -25.08
CA GLY A 102 8.01 2.82 -25.73
C GLY A 102 8.08 3.13 -27.22
N LYS A 103 7.24 4.04 -27.70
CA LYS A 103 7.22 4.40 -29.12
C LYS A 103 8.29 5.41 -29.47
N VAL A 104 8.72 5.43 -30.73
CA VAL A 104 9.73 6.38 -31.18
C VAL A 104 9.15 7.28 -32.28
N TYR A 105 9.79 8.43 -32.47
CA TYR A 105 9.35 9.37 -33.50
C TYR A 105 9.27 8.65 -34.84
N GLY A 106 8.14 8.78 -35.53
CA GLY A 106 7.98 8.12 -36.82
C GLY A 106 7.00 6.96 -36.76
N GLU A 107 6.77 6.43 -35.58
CA GLU A 107 5.85 5.31 -35.41
C GLU A 107 4.42 5.80 -35.31
N GLN A 108 3.48 4.94 -35.72
CA GLN A 108 2.07 5.26 -35.67
C GLN A 108 1.49 4.67 -34.39
N TYR A 109 0.76 5.49 -33.63
CA TYR A 109 0.13 5.00 -32.41
C TYR A 109 -0.98 5.94 -31.96
N PRO A 110 -2.08 5.37 -31.44
CA PRO A 110 -3.25 6.11 -30.95
C PRO A 110 -2.97 7.01 -29.76
N LEU A 111 -3.71 8.12 -29.69
CA LEU A 111 -3.59 9.04 -28.58
C LEU A 111 -4.71 8.70 -27.60
N SER A 112 -4.35 8.13 -26.46
CA SER A 112 -5.31 7.71 -25.44
C SER A 112 -6.50 8.64 -25.34
N ALA A 113 -7.69 8.09 -25.57
CA ALA A 113 -8.91 8.86 -25.50
C ALA A 113 -9.11 9.31 -24.05
N GLU A 114 -8.61 8.51 -23.12
CA GLU A 114 -8.72 8.82 -21.70
C GLU A 114 -7.50 9.54 -21.16
N LYS A 115 -7.74 10.60 -20.41
CA LYS A 115 -6.65 11.37 -19.82
C LYS A 115 -6.76 11.25 -18.30
N ARG A 116 -5.61 11.30 -17.63
CA ARG A 116 -5.57 11.20 -16.17
C ARG A 116 -4.61 12.24 -15.64
N THR A 117 -4.72 12.50 -14.34
CA THR A 117 -3.83 13.45 -13.70
C THR A 117 -2.65 12.63 -13.20
N TYR A 118 -1.46 13.03 -13.62
CA TYR A 118 -0.24 12.36 -13.19
C TYR A 118 0.58 13.34 -12.38
N TYR A 119 1.16 12.84 -11.30
CA TYR A 119 1.98 13.64 -10.40
C TYR A 119 3.45 13.35 -10.73
N PHE A 120 4.32 14.33 -10.51
CA PHE A 120 5.74 14.19 -10.85
C PHE A 120 6.64 14.54 -9.68
N ASP A 121 7.83 13.95 -9.64
CA ASP A 121 8.75 14.32 -8.55
C ASP A 121 9.61 15.49 -9.04
N ASN A 122 10.52 15.94 -8.18
CA ASN A 122 11.38 17.07 -8.51
C ASN A 122 12.36 16.86 -9.67
N ASN A 123 12.44 15.63 -10.15
CA ASN A 123 13.37 15.34 -11.24
C ASN A 123 12.68 14.90 -12.53
N TYR A 124 11.42 15.30 -12.69
CA TYR A 124 10.60 15.03 -13.87
C TYR A 124 10.14 13.60 -14.12
N ALA A 125 10.29 12.73 -13.12
CA ALA A 125 9.84 11.35 -13.25
C ALA A 125 8.45 11.25 -12.61
N VAL A 126 7.62 10.34 -13.09
CA VAL A 126 6.29 10.17 -12.50
C VAL A 126 6.48 9.80 -11.02
N LYS A 127 5.74 10.48 -10.16
CA LYS A 127 5.81 10.29 -8.71
C LYS A 127 5.08 9.03 -8.24
N THR A 128 5.62 8.39 -7.21
CA THR A 128 5.01 7.19 -6.64
C THR A 128 4.92 7.36 -5.12
N GLY A 129 4.12 6.53 -4.46
CA GLY A 129 3.99 6.63 -3.02
C GLY A 129 2.84 7.53 -2.62
N TRP A 130 2.85 7.99 -1.37
CA TRP A 130 1.78 8.81 -0.84
C TRP A 130 1.80 10.29 -1.24
N ILE A 131 0.61 10.82 -1.51
CA ILE A 131 0.44 12.22 -1.86
C ILE A 131 -0.82 12.71 -1.13
N TYR A 132 -0.79 13.95 -0.67
CA TYR A 132 -1.93 14.55 0.02
C TYR A 132 -2.52 15.62 -0.88
N GLU A 133 -3.81 15.51 -1.17
CA GLU A 133 -4.48 16.48 -2.03
C GLU A 133 -5.91 16.78 -1.59
N ASP A 134 -6.22 18.06 -1.48
CA ASP A 134 -7.54 18.51 -1.11
C ASP A 134 -8.13 17.72 0.06
N GLY A 135 -7.40 17.68 1.17
CA GLY A 135 -7.85 17.01 2.37
C GLY A 135 -7.83 15.49 2.43
N ASN A 136 -7.20 14.83 1.47
CA ASN A 136 -7.16 13.36 1.47
C ASN A 136 -5.81 12.82 1.03
N TRP A 137 -5.52 11.58 1.44
CA TRP A 137 -4.30 10.90 1.04
C TRP A 137 -4.65 9.94 -0.09
N TYR A 138 -3.74 9.80 -1.05
CA TYR A 138 -3.89 8.89 -2.18
C TYR A 138 -2.57 8.17 -2.29
N TYR A 139 -2.59 6.95 -2.84
CA TYR A 139 -1.38 6.17 -3.01
C TYR A 139 -1.14 5.90 -4.48
N LEU A 140 0.03 6.29 -4.97
CA LEU A 140 0.40 6.07 -6.37
C LEU A 140 1.28 4.84 -6.32
N ASN A 141 0.89 3.80 -7.06
CA ASN A 141 1.62 2.54 -7.06
C ASN A 141 3.13 2.68 -7.20
N LYS A 142 3.86 2.02 -6.31
CA LYS A 142 5.32 2.02 -6.37
C LYS A 142 5.79 0.89 -7.28
N LEU A 143 5.02 -0.19 -7.32
CA LEU A 143 5.37 -1.36 -8.12
C LEU A 143 4.39 -1.69 -9.21
N GLY A 144 4.87 -2.46 -10.20
CA GLY A 144 4.02 -2.89 -11.29
C GLY A 144 3.52 -4.28 -10.98
N ASN A 145 3.08 -5.02 -12.00
CA ASN A 145 2.57 -6.37 -11.80
C ASN A 145 3.58 -7.46 -12.12
N PHE A 146 3.37 -8.63 -11.53
CA PHE A 146 4.24 -9.79 -11.74
C PHE A 146 3.42 -10.96 -12.27
N GLY A 147 3.86 -12.17 -11.96
CA GLY A 147 3.13 -13.35 -12.42
C GLY A 147 4.01 -14.46 -12.95
N ASP A 148 4.83 -15.04 -12.09
CA ASP A 148 5.74 -16.13 -12.47
C ASP A 148 6.49 -15.83 -13.76
N ASP A 149 7.65 -15.20 -13.63
CA ASP A 149 8.47 -14.87 -14.79
C ASP A 149 7.78 -13.79 -15.63
N SER A 150 7.53 -12.61 -15.05
CA SER A 150 6.87 -11.52 -15.77
C SER A 150 6.69 -10.24 -14.94
N TYR A 151 6.99 -9.09 -15.53
CA TYR A 151 6.85 -7.82 -14.83
C TYR A 151 6.33 -6.66 -15.69
N ASN A 152 5.11 -6.21 -15.40
CA ASN A 152 4.48 -5.12 -16.12
C ASN A 152 4.60 -3.83 -15.29
N PRO A 153 5.45 -2.88 -15.72
CA PRO A 153 5.64 -1.61 -15.00
C PRO A 153 4.53 -0.57 -15.22
N LEU A 154 3.57 -0.90 -16.06
CA LEU A 154 2.48 0.01 -16.39
C LEU A 154 1.71 0.61 -15.20
N PRO A 155 1.43 -0.19 -14.15
CA PRO A 155 0.69 0.32 -12.99
C PRO A 155 1.42 1.40 -12.17
N ILE A 156 2.73 1.47 -12.32
CA ILE A 156 3.54 2.43 -11.56
C ILE A 156 3.08 3.87 -11.74
N GLY A 157 2.85 4.55 -10.63
CA GLY A 157 2.42 5.93 -10.68
C GLY A 157 0.92 6.15 -10.82
N GLU A 158 0.16 5.06 -10.98
CA GLU A 158 -1.29 5.16 -11.12
C GLU A 158 -1.93 5.19 -9.73
N VAL A 159 -3.12 5.79 -9.64
CA VAL A 159 -3.84 5.88 -8.38
C VAL A 159 -4.33 4.50 -7.94
N ALA A 160 -3.91 4.06 -6.76
CA ALA A 160 -4.31 2.76 -6.24
C ALA A 160 -5.74 2.78 -5.72
N LYS A 161 -6.42 1.64 -5.83
CA LYS A 161 -7.79 1.51 -5.33
C LYS A 161 -7.92 0.18 -4.58
N GLY A 162 -8.80 0.14 -3.59
CA GLY A 162 -9.01 -1.08 -2.84
C GLY A 162 -7.89 -1.40 -1.88
N TRP A 163 -7.80 -2.67 -1.48
CA TRP A 163 -6.77 -3.12 -0.54
C TRP A 163 -5.38 -2.97 -1.15
N THR A 164 -4.50 -2.30 -0.42
CA THR A 164 -3.17 -2.06 -0.93
C THR A 164 -2.07 -2.09 0.13
N GLN A 165 -1.01 -2.86 -0.14
CA GLN A 165 0.12 -2.95 0.75
C GLN A 165 1.18 -1.92 0.35
N ASP A 166 1.70 -1.16 1.32
CA ASP A 166 2.72 -0.17 1.06
C ASP A 166 4.12 -0.74 1.33
N PHE A 167 4.73 -1.34 0.32
CA PHE A 167 6.07 -1.91 0.44
C PHE A 167 7.17 -0.86 0.36
N HIS A 168 8.29 -1.12 1.02
CA HIS A 168 9.42 -0.19 0.91
C HIS A 168 10.08 -0.70 -0.35
N VAL A 169 10.19 0.15 -1.37
CA VAL A 169 10.76 -0.27 -2.64
C VAL A 169 11.70 0.73 -3.29
N THR A 170 12.72 0.18 -3.96
CA THR A 170 13.71 0.96 -4.70
C THR A 170 13.68 0.39 -6.12
N ILE A 171 14.28 -0.78 -6.29
CA ILE A 171 14.29 -1.47 -7.58
C ILE A 171 13.49 -2.76 -7.40
N ASP A 172 13.42 -3.21 -6.15
CA ASP A 172 12.67 -4.42 -5.77
C ASP A 172 12.12 -4.23 -4.36
N ILE A 173 11.11 -5.03 -4.01
CA ILE A 173 10.50 -4.95 -2.69
C ILE A 173 11.54 -5.21 -1.60
N ASP A 174 11.43 -4.48 -0.50
CA ASP A 174 12.35 -4.66 0.62
C ASP A 174 11.59 -5.45 1.69
N ARG A 175 11.78 -6.76 1.67
CA ARG A 175 11.10 -7.66 2.60
C ARG A 175 11.47 -7.50 4.07
N SER A 176 12.62 -6.88 4.34
CA SER A 176 13.04 -6.69 5.73
C SER A 176 12.16 -5.67 6.44
N LYS A 177 11.81 -4.59 5.75
CA LYS A 177 10.97 -3.55 6.32
C LYS A 177 9.49 -3.97 6.34
N PRO A 178 8.69 -3.34 7.20
CA PRO A 178 7.26 -3.64 7.32
C PRO A 178 6.46 -3.15 6.10
N ALA A 179 5.35 -3.81 5.82
CA ALA A 179 4.49 -3.45 4.70
C ALA A 179 3.04 -3.45 5.18
N PRO A 180 2.60 -2.34 5.78
CA PRO A 180 1.24 -2.18 6.29
C PRO A 180 0.19 -2.21 5.18
N TRP A 181 -1.05 -2.51 5.54
CA TRP A 181 -2.14 -2.55 4.58
C TRP A 181 -2.97 -1.27 4.70
N TYR A 182 -3.55 -0.83 3.58
CA TYR A 182 -4.40 0.35 3.56
C TYR A 182 -5.57 0.04 2.64
N TYR A 183 -6.61 0.86 2.70
CA TYR A 183 -7.76 0.66 1.82
C TYR A 183 -8.10 2.01 1.19
N LEU A 184 -8.04 2.08 -0.13
CA LEU A 184 -8.35 3.30 -0.85
C LEU A 184 -9.73 3.12 -1.48
N ASP A 185 -10.62 4.11 -1.31
CA ASP A 185 -11.98 3.99 -1.87
C ASP A 185 -12.00 4.10 -3.38
N ALA A 186 -13.20 4.05 -3.95
CA ALA A 186 -13.37 4.09 -5.40
C ALA A 186 -12.62 5.21 -6.10
N SER A 187 -12.47 6.35 -5.44
CA SER A 187 -11.74 7.47 -6.05
C SER A 187 -10.29 7.54 -5.56
N GLY A 188 -9.86 6.52 -4.82
CA GLY A 188 -8.50 6.49 -4.33
C GLY A 188 -8.26 7.10 -2.96
N LYS A 189 -9.29 7.68 -2.36
CA LYS A 189 -9.12 8.30 -1.04
C LYS A 189 -8.83 7.23 0.02
N MET A 190 -7.85 7.53 0.88
CA MET A 190 -7.46 6.61 1.94
C MET A 190 -8.46 6.64 3.08
N LEU A 191 -8.93 5.47 3.47
CA LEU A 191 -9.88 5.40 4.58
C LEU A 191 -9.17 5.44 5.94
N THR A 192 -9.87 5.96 6.94
CA THR A 192 -9.34 6.04 8.29
C THR A 192 -10.43 5.54 9.25
N ASP A 193 -10.05 5.23 10.49
CA ASP A 193 -11.00 4.77 11.51
C ASP A 193 -11.71 3.47 11.12
N TRP A 194 -12.87 3.22 11.72
CA TRP A 194 -13.63 2.00 11.43
C TRP A 194 -14.26 2.06 10.05
N GLN A 195 -14.22 0.93 9.34
CA GLN A 195 -14.79 0.83 8.01
C GLN A 195 -15.27 -0.60 7.77
N LYS A 196 -16.45 -0.74 7.21
CA LYS A 196 -16.96 -2.07 6.91
C LYS A 196 -16.62 -2.34 5.45
N VAL A 197 -15.84 -3.38 5.22
CA VAL A 197 -15.41 -3.76 3.87
C VAL A 197 -15.70 -5.23 3.64
N ASN A 198 -16.40 -5.54 2.54
CA ASN A 198 -16.78 -6.89 2.22
C ASN A 198 -17.43 -7.61 3.40
N GLY A 199 -18.31 -6.90 4.08
CA GLY A 199 -19.03 -7.49 5.20
C GLY A 199 -18.36 -7.58 6.56
N LYS A 200 -17.10 -7.18 6.67
CA LYS A 200 -16.38 -7.26 7.95
C LYS A 200 -15.82 -5.91 8.36
N TRP A 201 -15.63 -5.70 9.67
CA TRP A 201 -15.08 -4.43 10.13
C TRP A 201 -13.56 -4.46 10.23
N TYR A 202 -12.95 -3.32 9.92
CA TYR A 202 -11.51 -3.15 9.99
C TYR A 202 -11.29 -1.79 10.65
N TYR A 203 -10.17 -1.62 11.32
CA TYR A 203 -9.85 -0.35 11.96
C TYR A 203 -8.57 0.18 11.32
N PHE A 204 -8.66 1.38 10.75
CA PHE A 204 -7.50 1.99 10.08
C PHE A 204 -6.89 3.16 10.84
N GLY A 205 -7.50 3.53 11.97
CA GLY A 205 -6.98 4.62 12.78
C GLY A 205 -6.84 5.94 12.04
N SER A 206 -5.98 6.81 12.55
CA SER A 206 -5.78 8.10 11.90
C SER A 206 -4.64 8.09 10.88
N SER A 207 -3.82 7.05 10.89
CA SER A 207 -2.71 6.98 9.94
C SER A 207 -3.10 6.23 8.66
N GLY A 208 -4.17 5.45 8.75
CA GLY A 208 -4.64 4.71 7.60
C GLY A 208 -4.21 3.25 7.60
N SER A 209 -3.17 2.91 8.36
CA SER A 209 -2.71 1.52 8.40
C SER A 209 -3.71 0.62 9.13
N MET A 210 -3.96 -0.54 8.53
CA MET A 210 -4.89 -1.52 9.08
C MET A 210 -4.34 -2.18 10.35
N ALA A 211 -5.07 -2.05 11.44
CA ALA A 211 -4.63 -2.64 12.70
C ALA A 211 -4.84 -4.14 12.72
N THR A 212 -4.01 -4.83 13.51
CA THR A 212 -4.09 -6.28 13.71
C THR A 212 -3.90 -6.51 15.21
N GLY A 213 -4.47 -7.60 15.74
CA GLY A 213 -4.34 -7.87 17.17
C GLY A 213 -5.23 -7.00 18.05
N TRP A 214 -4.93 -6.94 19.35
CA TRP A 214 -5.73 -6.13 20.26
C TRP A 214 -5.53 -4.65 20.00
N LYS A 215 -6.62 -3.90 20.03
CA LYS A 215 -6.56 -2.47 19.77
C LYS A 215 -7.50 -1.69 20.68
N TYR A 216 -6.97 -0.69 21.36
CA TYR A 216 -7.78 0.14 22.24
C TYR A 216 -8.30 1.34 21.46
N VAL A 217 -9.62 1.45 21.33
CA VAL A 217 -10.21 2.55 20.59
C VAL A 217 -11.38 3.21 21.32
N ARG A 218 -11.24 4.49 21.59
CA ARG A 218 -12.28 5.25 22.29
C ARG A 218 -12.77 4.56 23.57
N GLY A 219 -11.84 4.17 24.43
CA GLY A 219 -12.22 3.55 25.70
C GLY A 219 -12.54 2.07 25.76
N LYS A 220 -12.59 1.39 24.62
CA LYS A 220 -12.90 -0.03 24.63
C LYS A 220 -11.84 -0.85 23.93
N TRP A 221 -11.79 -2.14 24.23
CA TRP A 221 -10.83 -3.03 23.59
C TRP A 221 -11.48 -3.84 22.49
N TYR A 222 -10.79 -3.95 21.37
CA TYR A 222 -11.28 -4.70 20.23
C TYR A 222 -10.18 -5.66 19.79
N TYR A 223 -10.54 -6.72 19.10
CA TYR A 223 -9.53 -7.66 18.61
C TYR A 223 -9.68 -7.87 17.11
N LEU A 224 -8.66 -7.47 16.38
CA LEU A 224 -8.66 -7.61 14.92
C LEU A 224 -7.80 -8.83 14.60
N ASP A 225 -8.22 -9.63 13.63
CA ASP A 225 -7.46 -10.82 13.25
C ASP A 225 -5.98 -10.44 13.13
N ASN A 226 -5.13 -11.19 13.81
CA ASN A 226 -3.70 -10.92 13.81
C ASN A 226 -3.03 -10.89 12.45
N LYS A 227 -3.63 -11.55 11.47
CA LYS A 227 -3.05 -11.60 10.13
C LYS A 227 -3.89 -10.85 9.10
N ASN A 228 -5.20 -11.06 9.14
CA ASN A 228 -6.09 -10.46 8.16
C ASN A 228 -6.75 -9.13 8.53
N GLY A 229 -6.75 -8.81 9.82
CA GLY A 229 -7.33 -7.54 10.28
C GLY A 229 -8.82 -7.43 10.57
N ASP A 230 -9.63 -8.40 10.15
CA ASP A 230 -11.06 -8.32 10.40
C ASP A 230 -11.42 -8.44 11.88
N MET A 231 -12.34 -7.59 12.33
CA MET A 231 -12.78 -7.57 13.72
C MET A 231 -13.53 -8.82 14.13
N LYS A 232 -13.14 -9.39 15.27
CA LYS A 232 -13.78 -10.59 15.80
C LYS A 232 -14.88 -10.24 16.80
N THR A 233 -15.84 -11.15 16.97
CA THR A 233 -16.93 -10.98 17.93
C THR A 233 -17.14 -12.32 18.63
N GLY A 234 -17.91 -12.30 19.72
CA GLY A 234 -18.19 -13.53 20.44
C GLY A 234 -17.00 -14.03 21.25
N TRP A 235 -17.06 -15.29 21.66
CA TRP A 235 -15.99 -15.91 22.44
C TRP A 235 -14.75 -16.12 21.59
N GLN A 236 -13.60 -15.70 22.10
CA GLN A 236 -12.34 -15.87 21.39
C GLN A 236 -11.28 -16.39 22.35
N TYR A 237 -10.59 -17.45 21.94
CA TYR A 237 -9.53 -18.03 22.74
C TYR A 237 -8.23 -17.40 22.23
N LEU A 238 -7.71 -16.43 22.98
CA LEU A 238 -6.50 -15.72 22.57
C LEU A 238 -5.39 -15.82 23.62
N GLY A 239 -4.23 -16.28 23.17
CA GLY A 239 -3.11 -16.42 24.09
C GLY A 239 -3.42 -17.31 25.27
N ASN A 240 -4.09 -18.43 25.01
CA ASN A 240 -4.43 -19.40 26.06
C ASN A 240 -5.46 -18.92 27.09
N LYS A 241 -6.25 -17.91 26.75
CA LYS A 241 -7.27 -17.38 27.65
C LYS A 241 -8.53 -17.08 26.85
N TRP A 242 -9.68 -17.15 27.51
CA TRP A 242 -10.94 -16.86 26.84
C TRP A 242 -11.36 -15.41 27.09
N TYR A 243 -11.92 -14.80 26.07
CA TYR A 243 -12.41 -13.43 26.14
C TYR A 243 -13.76 -13.40 25.45
N TYR A 244 -14.66 -12.53 25.90
CA TYR A 244 -15.95 -12.41 25.24
C TYR A 244 -16.07 -11.01 24.66
N LEU A 245 -16.31 -10.94 23.36
CA LEU A 245 -16.46 -9.68 22.65
C LEU A 245 -17.93 -9.51 22.24
N ARG A 246 -18.48 -8.32 22.50
CA ARG A 246 -19.86 -8.01 22.15
C ARG A 246 -20.03 -8.08 20.63
N SER A 247 -21.28 -8.02 20.17
CA SER A 247 -21.55 -8.06 18.73
C SER A 247 -20.98 -6.80 18.08
N SER A 248 -20.80 -5.76 18.88
CA SER A 248 -20.24 -4.49 18.43
C SER A 248 -18.72 -4.65 18.31
N GLY A 249 -18.22 -5.72 18.93
CA GLY A 249 -16.79 -6.00 18.92
C GLY A 249 -16.08 -5.66 20.22
N ALA A 250 -16.69 -4.83 21.06
CA ALA A 250 -16.07 -4.41 22.32
C ALA A 250 -15.91 -5.55 23.32
N MET A 251 -14.75 -5.61 23.96
CA MET A 251 -14.46 -6.63 24.94
C MET A 251 -15.28 -6.36 26.20
N VAL A 252 -15.80 -7.43 26.80
CA VAL A 252 -16.61 -7.31 28.00
C VAL A 252 -15.77 -7.58 29.27
N THR A 253 -16.08 -6.87 30.35
CA THR A 253 -15.41 -7.09 31.63
C THR A 253 -16.52 -7.23 32.67
N GLY A 254 -16.26 -7.98 33.75
CA GLY A 254 -17.28 -8.16 34.77
C GLY A 254 -18.17 -9.36 34.50
N TRP A 255 -19.38 -9.35 35.07
CA TRP A 255 -20.31 -10.45 34.90
C TRP A 255 -21.01 -10.43 33.55
N TYR A 256 -21.16 -11.60 32.95
CA TYR A 256 -21.83 -11.72 31.67
C TYR A 256 -22.65 -12.99 31.66
N GLN A 257 -23.93 -12.87 31.32
CA GLN A 257 -24.81 -14.04 31.28
C GLN A 257 -25.16 -14.41 29.84
N ASP A 258 -24.89 -15.67 29.50
CA ASP A 258 -25.18 -16.20 28.17
C ASP A 258 -26.32 -17.20 28.41
N GLY A 259 -27.54 -16.77 28.13
CA GLY A 259 -28.69 -17.64 28.37
C GLY A 259 -28.90 -17.61 29.87
N LEU A 260 -28.71 -18.75 30.53
CA LEU A 260 -28.87 -18.81 31.97
C LEU A 260 -27.50 -18.85 32.65
N THR A 261 -26.47 -19.10 31.86
CA THR A 261 -25.12 -19.24 32.38
C THR A 261 -24.32 -17.95 32.62
N TRP A 262 -23.77 -17.82 33.82
CA TRP A 262 -22.97 -16.65 34.16
C TRP A 262 -21.47 -16.93 33.97
N TYR A 263 -20.75 -15.91 33.53
CA TYR A 263 -19.32 -15.98 33.32
C TYR A 263 -18.73 -14.72 33.92
N TYR A 264 -17.48 -14.79 34.35
CA TYR A 264 -16.85 -13.60 34.90
C TYR A 264 -15.58 -13.27 34.12
N LEU A 265 -15.58 -12.11 33.48
CA LEU A 265 -14.44 -11.66 32.70
C LEU A 265 -13.65 -10.69 33.58
N ASN A 266 -12.37 -11.00 33.77
CA ASN A 266 -11.47 -10.20 34.58
C ASN A 266 -11.66 -8.70 34.37
N ALA A 267 -11.85 -7.98 35.48
CA ALA A 267 -12.08 -6.53 35.48
C ALA A 267 -11.20 -5.65 34.60
N GLY A 268 -9.92 -5.99 34.48
CA GLY A 268 -9.05 -5.15 33.66
C GLY A 268 -8.61 -5.81 32.38
N ASN A 269 -7.99 -6.97 32.50
CA ASN A 269 -7.51 -7.70 31.33
C ASN A 269 -8.65 -8.28 30.48
N GLY A 270 -9.75 -8.63 31.12
CA GLY A 270 -10.89 -9.20 30.41
C GLY A 270 -10.88 -10.71 30.26
N ASP A 271 -9.82 -11.38 30.69
CA ASP A 271 -9.77 -12.83 30.55
C ASP A 271 -10.74 -13.53 31.49
N MET A 272 -11.35 -14.60 30.99
CA MET A 272 -12.35 -15.38 31.73
C MET A 272 -11.76 -16.13 32.93
N LYS A 273 -12.44 -16.03 34.06
CA LYS A 273 -12.02 -16.70 35.29
C LYS A 273 -12.51 -18.15 35.39
N THR A 274 -11.70 -19.00 36.01
CA THR A 274 -12.05 -20.40 36.26
C THR A 274 -11.58 -20.69 37.69
N GLY A 275 -12.22 -21.65 38.35
CA GLY A 275 -11.85 -21.97 39.72
C GLY A 275 -12.50 -21.01 40.69
N TRP A 276 -11.98 -20.97 41.92
CA TRP A 276 -12.53 -20.06 42.94
C TRP A 276 -11.98 -18.67 42.74
N PHE A 277 -12.83 -17.67 42.95
CA PHE A 277 -12.44 -16.28 42.81
C PHE A 277 -13.45 -15.47 43.59
N GLN A 278 -13.07 -14.27 44.03
CA GLN A 278 -14.02 -13.46 44.77
C GLN A 278 -14.18 -12.10 44.13
N VAL A 279 -15.39 -11.58 44.21
CA VAL A 279 -15.73 -10.29 43.66
C VAL A 279 -16.39 -9.52 44.77
N ASN A 280 -15.76 -8.42 45.17
CA ASN A 280 -16.28 -7.58 46.23
C ASN A 280 -16.44 -8.42 47.50
N GLY A 281 -15.38 -9.14 47.88
CA GLY A 281 -15.41 -9.95 49.08
C GLY A 281 -16.08 -11.31 49.04
N LYS A 282 -17.07 -11.48 48.16
CA LYS A 282 -17.79 -12.75 48.05
C LYS A 282 -17.10 -13.74 47.12
N TRP A 283 -17.19 -15.03 47.45
CA TRP A 283 -16.55 -16.08 46.66
C TRP A 283 -17.48 -16.84 45.71
N TYR A 284 -16.97 -17.12 44.52
CA TYR A 284 -17.71 -17.85 43.50
C TYR A 284 -16.80 -18.90 42.88
N TYR A 285 -17.38 -19.90 42.25
CA TYR A 285 -16.60 -20.94 41.60
C TYR A 285 -17.08 -21.13 40.18
N ALA A 286 -16.14 -21.09 39.23
CA ALA A 286 -16.49 -21.30 37.83
C ALA A 286 -15.81 -22.58 37.38
N TYR A 287 -16.55 -23.41 36.65
CA TYR A 287 -16.01 -24.64 36.13
C TYR A 287 -14.99 -24.28 35.04
N SER A 288 -14.29 -25.29 34.53
CA SER A 288 -13.28 -25.05 33.52
C SER A 288 -13.89 -24.42 32.26
N SER A 289 -15.17 -24.65 32.04
CA SER A 289 -15.85 -24.07 30.88
C SER A 289 -16.08 -22.57 31.13
N GLY A 290 -15.86 -22.15 32.37
CA GLY A 290 -16.08 -20.76 32.72
C GLY A 290 -17.45 -20.55 33.37
N ALA A 291 -18.33 -21.55 33.22
CA ALA A 291 -19.68 -21.46 33.79
C ALA A 291 -19.67 -21.40 35.31
N LEU A 292 -20.44 -20.45 35.85
CA LEU A 292 -20.55 -20.27 37.30
C LEU A 292 -21.36 -21.38 37.96
N ALA A 293 -20.86 -21.87 39.09
CA ALA A 293 -21.55 -22.91 39.85
C ALA A 293 -22.65 -22.23 40.65
N VAL A 294 -23.88 -22.73 40.55
CA VAL A 294 -25.00 -22.15 41.29
C VAL A 294 -25.90 -23.21 41.93
N ASN A 295 -26.39 -22.92 43.14
CA ASN A 295 -27.28 -23.83 43.86
C ASN A 295 -26.83 -25.29 43.77
N THR A 296 -25.66 -25.57 44.32
CA THR A 296 -25.11 -26.90 44.26
C THR A 296 -23.96 -26.91 45.22
N THR A 297 -23.18 -28.00 45.21
CA THR A 297 -22.03 -28.11 46.07
C THR A 297 -20.77 -28.18 45.21
N VAL A 298 -19.70 -27.60 45.72
CA VAL A 298 -18.41 -27.61 45.05
C VAL A 298 -17.37 -28.02 46.08
N ASP A 299 -16.97 -29.29 46.02
CA ASP A 299 -15.99 -29.84 46.95
C ASP A 299 -16.39 -29.59 48.40
N GLY A 300 -17.62 -29.92 48.75
CA GLY A 300 -18.07 -29.72 50.12
C GLY A 300 -18.33 -28.26 50.46
N TYR A 301 -18.60 -27.45 49.44
CA TYR A 301 -18.89 -26.04 49.62
C TYR A 301 -20.22 -25.69 49.00
N SER A 302 -21.07 -25.00 49.76
CA SER A 302 -22.37 -24.62 49.26
C SER A 302 -22.32 -23.26 48.59
N VAL A 303 -22.93 -23.18 47.41
CA VAL A 303 -23.00 -21.93 46.66
C VAL A 303 -24.48 -21.75 46.35
N ASN A 304 -25.03 -20.61 46.74
CA ASN A 304 -26.46 -20.37 46.53
C ASN A 304 -26.87 -20.02 45.10
N TYR A 305 -28.09 -19.51 44.99
CA TYR A 305 -28.70 -19.13 43.71
C TYR A 305 -27.87 -18.14 42.90
N ASN A 306 -27.12 -17.28 43.57
CA ASN A 306 -26.28 -16.30 42.87
C ASN A 306 -24.85 -16.78 42.69
N GLY A 307 -24.58 -18.00 43.12
CA GLY A 307 -23.25 -18.56 43.00
C GLY A 307 -22.38 -18.24 44.19
N GLU A 308 -22.91 -17.46 45.13
CA GLU A 308 -22.15 -17.10 46.32
C GLU A 308 -21.92 -18.28 47.23
N TRP A 309 -20.71 -18.35 47.79
CA TRP A 309 -20.37 -19.41 48.71
C TRP A 309 -21.09 -19.09 50.02
N VAL A 310 -22.07 -19.91 50.36
CA VAL A 310 -22.85 -19.73 51.58
C VAL A 310 -22.15 -20.40 52.76
N GLN A 311 -21.76 -19.60 53.75
CA GLN A 311 -21.09 -20.11 54.94
C GLN A 311 -21.93 -21.19 55.63
C4 CHT B . -4.32 -9.16 27.09
C5 CHT B . -5.71 -8.58 26.77
C6 CHT B . -6.20 -6.35 27.99
C7 CHT B . -5.50 -6.37 25.60
C8 CHT B . -7.08 -7.22 26.49
O6 CHT B . -3.48 -9.09 25.94
N1 CHT B . -5.66 -7.12 26.88
S SO4 C . -23.98 -9.05 22.67
O1 SO4 C . -23.58 -7.64 22.50
O2 SO4 C . -25.44 -9.14 22.68
O3 SO4 C . -23.45 -9.86 21.54
O4 SO4 C . -23.44 -9.59 23.94
C10 OIN D . 13.78 0.93 -37.12
N OIN D . 13.98 0.78 -38.57
C11 OIN D . 14.37 2.08 -39.14
C17 OIN D . 15.79 2.30 -38.59
C16 OIN D . 16.33 0.87 -38.42
C15 OIN D . 15.17 -0.03 -38.84
C14 OIN D . 15.23 -0.33 -40.34
C13 OIN D . 15.40 0.96 -41.15
C12 OIN D . 14.37 1.99 -40.67
O2 OIN D . 16.72 1.48 -40.98
C7 OIN D . 17.59 0.79 -41.76
O3 OIN D . 17.17 -0.13 -42.46
C9 OIN D . 19.08 1.18 -41.78
C8 OIN D . 19.22 2.62 -42.28
OH OIN D . 20.61 2.96 -42.32
C6 OIN D . 19.84 0.23 -42.71
C5 OIN D . 19.58 0.24 -44.08
C4 OIN D . 20.28 -0.62 -44.93
C3 OIN D . 21.23 -1.49 -44.39
C2 OIN D . 21.48 -1.50 -43.03
C1 OIN D . 20.78 -0.64 -42.19
C1 GOL E . -5.31 5.86 16.42
O1 GOL E . -6.29 5.08 17.11
C2 GOL E . -4.68 5.02 15.31
O2 GOL E . -4.08 3.86 15.87
C3 GOL E . -3.63 5.85 14.57
O3 GOL E . -3.07 5.08 13.50
C1 GOL F . -4.16 13.65 7.62
O1 GOL F . -5.34 14.11 8.30
C2 GOL F . -3.22 13.01 8.63
O2 GOL F . -2.89 13.96 9.65
C3 GOL F . -1.94 12.55 7.93
O3 GOL F . -1.06 11.94 8.87
C10 OIN G . -18.81 -2.71 14.59
N OIN G . -18.38 -1.83 15.69
C11 OIN G . -17.21 -1.04 15.28
C17 OIN G . -17.79 -0.09 14.23
C16 OIN G . -19.25 0.11 14.68
C15 OIN G . -19.39 -0.78 15.92
C14 OIN G . -19.01 -0.01 17.19
C13 OIN G . -17.67 0.71 17.02
C12 OIN G . -16.65 -0.29 16.48
O2 OIN G . -17.83 1.79 16.10
C7 OIN G . -18.43 2.85 16.71
O3 OIN G . -18.72 2.78 17.89
C9 OIN G . -18.73 4.13 15.92
C8 OIN G . -20.01 4.77 16.44
OH OIN G . -20.32 5.94 15.68
C6 OIN G . -18.89 3.81 14.42
C5 OIN G . -20.10 3.35 13.93
C4 OIN G . -20.25 3.10 12.57
C3 OIN G . -19.19 3.32 11.70
C2 OIN G . -17.97 3.78 12.20
C1 OIN G . -17.82 4.03 13.56
C4 CHT H . -18.23 -23.10 26.64
C5 CHT H . -17.73 -21.68 26.92
C6 CHT H . -15.16 -21.52 27.14
C7 CHT H . -16.31 -20.80 25.04
C8 CHT H . -16.53 -20.15 26.91
O6 CHT H . -18.53 -23.24 25.24
N1 CHT H . -16.39 -21.51 26.34
C4 CHT I . -10.92 -21.61 48.49
C5 CHT I . -12.42 -21.78 48.79
C6 CHT I . -13.02 -21.52 51.28
C7 CHT I . -13.41 -19.67 49.66
C8 CHT I . -14.11 -21.53 49.68
O6 CHT I . -10.66 -20.30 48.02
N1 CHT I . -12.79 -20.97 49.94
C1 GOL J . 13.21 20.72 -31.97
O1 GOL J . 14.28 21.62 -32.28
C2 GOL J . 13.50 19.35 -32.58
O2 GOL J . 13.60 19.47 -34.00
C3 GOL J . 12.36 18.39 -32.23
O3 GOL J . 12.63 17.10 -32.81
C1 GOL K . -21.85 -5.10 11.12
O1 GOL K . -21.45 -6.46 11.23
C2 GOL K . -22.14 -4.53 12.51
O2 GOL K . -23.17 -5.29 13.13
C3 GOL K . -22.57 -3.07 12.39
O3 GOL K . -22.79 -2.53 13.69
C4 CHT L . -7.41 -10.52 3.49
C5 CHT L . -6.34 -9.58 4.08
C6 CHT L . -5.88 -7.51 2.62
C7 CHT L . -7.29 -7.33 4.68
C8 CHT L . -5.40 -7.92 4.48
O6 CHT L . -8.50 -9.78 2.95
N1 CHT L . -6.61 -8.20 3.68
C4 CHT M . 1.76 6.66 6.59
C5 CHT M . 0.52 6.97 5.75
C6 CHT M . -0.69 9.14 6.46
C7 CHT M . 0.83 9.10 4.49
C8 CHT M . -0.82 8.06 4.86
O6 CHT M . 2.94 7.01 5.85
N1 CHT M . 0.32 8.42 5.70
C4 CHT N . -27.01 -12.82 39.67
C5 CHT N . -25.64 -12.70 40.35
C6 CHT N . -23.77 -14.08 39.20
C7 CHT N . -23.99 -11.62 38.82
C8 CHT N . -23.69 -12.67 40.52
O6 CHT N . -27.41 -11.53 39.16
N1 CHT N . -24.58 -12.88 39.36
#